data_1ZHW
#
_entry.id   1ZHW
#
_cell.length_a   82.300
_cell.length_b   94.910
_cell.length_c   65.400
_cell.angle_alpha   90.00
_cell.angle_beta   96.44
_cell.angle_gamma   90.00
#
_symmetry.space_group_name_H-M   'C 1 2 1'
#
loop_
_entity.id
_entity.type
_entity.pdbx_description
1 polymer 'KES1 protein'
2 non-polymer 'LEAD (II) ION'
3 non-polymer 20-HYDROXYCHOLESTEROL
4 water water
#
_entity_poly.entity_id   1
_entity_poly.type   'polypeptide(L)'
_entity_poly.pdbx_seq_one_letter_code
;GAMDPSQYASSSSWTSFLKSIASFNGDLSSLSAPPFILSPISLTEFSQYWAEHPELFLEPSFINDDNYKEHCLIDPEVES
PELARMLAVTKWFISTLKSQYCSRNESLGSEKKPLNPFLGELFVGKWENKEHPEFGETVLLSEQVSHHPPVTAFSIFNDK
NKVKLQGYNQIKASFTKSLMLTVKQFGHTMLDIKDESYLVTPPPLHIEGILVASPFVELEGKSYIQSSTGLLCVIEFSGR
GYFSGKKNSFKARIYKDSKDSKDKEKALYTISGQWSGSSKIIKANKKEESRLFYDAARIPAEHLNVKPLEEQHPLESRKA
WYDVAGAIKLGDFNLIAKTKTELEETQRELRKEEEAKGISWQRRWFKDFDYSVTPEEGALVPEKDDTFLKLASALNLSTK
NAPSGTLVGDKEDRKEDLSSIHWRFQRELWDEEKEIVL
;
_entity_poly.pdbx_strand_id   A
#
# COMPACT_ATOMS: atom_id res chain seq x y z
N MET A 3 12.91 -28.32 3.14
CA MET A 3 12.37 -29.27 2.12
C MET A 3 12.09 -28.56 0.80
N ASP A 4 11.89 -29.35 -0.25
CA ASP A 4 11.58 -28.81 -1.57
C ASP A 4 10.14 -28.33 -1.53
N PRO A 5 9.81 -27.24 -2.25
CA PRO A 5 8.43 -26.76 -2.24
C PRO A 5 7.40 -27.84 -2.60
N SER A 6 7.81 -28.80 -3.44
CA SER A 6 6.89 -29.86 -3.85
C SER A 6 6.45 -30.74 -2.67
N GLN A 7 7.17 -30.64 -1.55
CA GLN A 7 6.87 -31.42 -0.35
C GLN A 7 6.03 -30.65 0.68
N TYR A 8 5.88 -29.34 0.47
CA TYR A 8 5.14 -28.50 1.41
C TYR A 8 3.72 -28.94 1.78
N ALA A 9 2.88 -29.04 0.75
CA ALA A 9 1.47 -29.37 0.94
C ALA A 9 1.16 -30.59 1.80
N SER A 10 1.96 -31.65 1.64
CA SER A 10 1.72 -32.88 2.38
C SER A 10 2.55 -33.02 3.65
N SER A 11 3.38 -32.04 3.94
CA SER A 11 4.23 -32.07 5.13
C SER A 11 3.42 -32.01 6.42
N SER A 12 4.00 -32.56 7.49
CA SER A 12 3.36 -32.54 8.81
C SER A 12 3.14 -31.08 9.21
N SER A 13 4.13 -30.24 8.93
CA SER A 13 4.07 -28.83 9.28
C SER A 13 2.89 -28.11 8.65
N TRP A 14 2.68 -28.34 7.35
CA TRP A 14 1.57 -27.67 6.68
C TRP A 14 0.23 -28.23 7.16
N THR A 15 0.14 -29.53 7.38
CA THR A 15 -1.11 -30.10 7.85
C THR A 15 -1.47 -29.49 9.21
N SER A 16 -0.48 -29.36 10.09
CA SER A 16 -0.70 -28.78 11.40
C SER A 16 -1.10 -27.32 11.27
N PHE A 17 -0.54 -26.63 10.27
CA PHE A 17 -0.87 -25.24 10.05
C PHE A 17 -2.32 -25.08 9.60
N LEU A 18 -2.74 -25.90 8.64
CA LEU A 18 -4.11 -25.83 8.14
C LEU A 18 -5.11 -26.12 9.26
N LYS A 19 -4.74 -27.02 10.16
CA LYS A 19 -5.64 -27.34 11.26
C LYS A 19 -5.75 -26.17 12.23
N SER A 20 -4.69 -25.38 12.35
CA SER A 20 -4.72 -24.24 13.24
C SER A 20 -5.64 -23.15 12.70
N ILE A 21 -5.88 -23.17 11.40
CA ILE A 21 -6.75 -22.17 10.78
C ILE A 21 -8.20 -22.32 11.26
N ALA A 22 -8.62 -23.55 11.47
CA ALA A 22 -9.99 -23.83 11.93
C ALA A 22 -10.32 -23.01 13.18
N SER A 23 -9.30 -22.77 14.00
CA SER A 23 -9.50 -22.02 15.22
C SER A 23 -8.91 -20.62 15.18
N PHE A 24 -8.74 -20.10 13.97
CA PHE A 24 -8.22 -18.76 13.76
C PHE A 24 -8.98 -17.76 14.64
N ASN A 25 -8.23 -16.94 15.36
CA ASN A 25 -8.84 -15.97 16.26
C ASN A 25 -8.98 -14.56 15.68
N GLY A 26 -8.56 -14.37 14.43
CA GLY A 26 -8.67 -13.06 13.82
C GLY A 26 -7.33 -12.35 13.75
N ASP A 27 -6.40 -12.82 14.57
CA ASP A 27 -5.06 -12.24 14.62
C ASP A 27 -4.16 -13.08 13.71
N LEU A 28 -3.92 -12.59 12.49
CA LEU A 28 -3.09 -13.31 11.53
C LEU A 28 -1.72 -13.71 12.06
N SER A 29 -1.17 -12.88 12.92
CA SER A 29 0.15 -13.17 13.47
C SER A 29 0.17 -14.40 14.38
N SER A 30 -1.00 -14.92 14.75
CA SER A 30 -1.10 -16.09 15.62
C SER A 30 -1.05 -17.41 14.85
N LEU A 31 -1.07 -17.31 13.52
CA LEU A 31 -1.03 -18.50 12.67
C LEU A 31 0.27 -19.26 12.85
N SER A 32 0.16 -20.54 13.20
CA SER A 32 1.33 -21.40 13.40
C SER A 32 1.92 -21.75 12.03
N ALA A 33 2.47 -20.74 11.36
CA ALA A 33 3.05 -20.91 10.05
C ALA A 33 4.44 -21.54 10.15
N PRO A 34 4.71 -22.57 9.34
CA PRO A 34 6.01 -23.24 9.35
C PRO A 34 7.12 -22.32 8.85
N PRO A 35 8.37 -22.56 9.29
CA PRO A 35 9.48 -21.72 8.85
C PRO A 35 9.59 -21.56 7.33
N PHE A 36 9.22 -22.59 6.56
CA PHE A 36 9.35 -22.48 5.12
C PHE A 36 8.40 -21.49 4.47
N ILE A 37 7.40 -21.05 5.21
CA ILE A 37 6.45 -20.09 4.65
C ILE A 37 6.63 -18.73 5.32
N LEU A 38 7.74 -18.56 6.04
CA LEU A 38 8.04 -17.30 6.70
C LEU A 38 8.93 -16.39 5.87
N SER A 39 8.62 -15.09 5.88
CA SER A 39 9.41 -14.10 5.15
C SER A 39 10.27 -13.32 6.14
N PRO A 40 11.50 -12.97 5.76
CA PRO A 40 12.39 -12.22 6.66
C PRO A 40 12.21 -10.72 6.50
N ILE A 41 11.14 -10.31 5.82
CA ILE A 41 10.86 -8.90 5.58
C ILE A 41 9.69 -8.42 6.42
N SER A 42 9.85 -7.27 7.07
CA SER A 42 8.80 -6.71 7.90
C SER A 42 7.82 -5.89 7.07
N LEU A 43 6.56 -5.85 7.50
CA LEU A 43 5.56 -5.08 6.77
C LEU A 43 5.87 -3.58 6.71
N THR A 44 6.76 -3.09 7.57
CA THR A 44 7.09 -1.67 7.51
C THR A 44 7.81 -1.36 6.20
N GLU A 45 8.41 -2.38 5.60
CA GLU A 45 9.11 -2.20 4.33
C GLU A 45 8.18 -2.08 3.12
N PHE A 46 6.95 -2.58 3.25
CA PHE A 46 6.00 -2.56 2.15
C PHE A 46 5.65 -1.17 1.63
N SER A 47 5.90 -0.15 2.44
CA SER A 47 5.62 1.23 2.04
C SER A 47 6.47 1.59 0.83
N GLN A 48 7.62 0.96 0.67
CA GLN A 48 8.49 1.27 -0.46
C GLN A 48 7.86 0.91 -1.80
N TYR A 49 6.87 0.04 -1.80
CA TYR A 49 6.22 -0.40 -3.01
C TYR A 49 5.41 0.68 -3.73
N TRP A 50 5.25 1.84 -3.09
CA TRP A 50 4.51 2.91 -3.73
C TRP A 50 5.31 3.73 -4.73
N ALA A 51 6.62 3.48 -4.82
CA ALA A 51 7.43 4.27 -5.74
C ALA A 51 8.67 3.61 -6.33
N GLU A 52 8.56 2.32 -6.68
CA GLU A 52 9.69 1.63 -7.26
C GLU A 52 9.92 1.91 -8.74
N HIS A 53 9.19 2.90 -9.27
CA HIS A 53 9.36 3.32 -10.67
C HIS A 53 9.43 4.84 -10.58
N PRO A 54 10.60 5.36 -10.18
CA PRO A 54 10.87 6.79 -10.01
C PRO A 54 10.35 7.70 -11.13
N GLU A 55 10.52 7.27 -12.36
CA GLU A 55 10.09 8.08 -13.50
C GLU A 55 8.57 8.23 -13.57
N LEU A 56 7.84 7.20 -13.18
CA LEU A 56 6.38 7.25 -13.21
C LEU A 56 5.84 8.04 -12.03
N PHE A 57 6.51 7.95 -10.89
CA PHE A 57 6.12 8.67 -9.69
C PHE A 57 6.24 10.17 -9.93
N LEU A 58 7.31 10.57 -10.61
CA LEU A 58 7.54 12.00 -10.85
C LEU A 58 6.99 12.58 -12.14
N GLU A 59 6.67 11.74 -13.12
CA GLU A 59 6.18 12.23 -14.41
C GLU A 59 5.10 13.31 -14.36
N PRO A 60 4.09 13.16 -13.49
CA PRO A 60 3.05 14.20 -13.44
C PRO A 60 3.57 15.62 -13.17
N SER A 61 4.69 15.73 -12.45
CA SER A 61 5.25 17.04 -12.13
C SER A 61 5.88 17.75 -13.33
N PHE A 62 6.17 17.00 -14.39
CA PHE A 62 6.80 17.56 -15.58
C PHE A 62 5.79 17.93 -16.67
N ILE A 63 4.50 17.81 -16.34
CA ILE A 63 3.43 18.11 -17.29
C ILE A 63 2.79 19.46 -16.94
N ASN A 64 2.85 20.40 -17.88
CA ASN A 64 2.27 21.72 -17.65
C ASN A 64 1.45 22.20 -18.86
N ASP A 65 0.86 23.39 -18.76
CA ASP A 65 0.02 23.93 -19.83
C ASP A 65 0.76 24.11 -21.15
N ASP A 66 2.08 24.24 -21.08
CA ASP A 66 2.86 24.46 -22.30
C ASP A 66 3.54 23.24 -22.91
N ASN A 67 3.33 22.05 -22.33
CA ASN A 67 3.95 20.86 -22.88
C ASN A 67 3.15 19.58 -22.72
N TYR A 68 1.96 19.67 -22.13
CA TYR A 68 1.16 18.47 -21.86
C TYR A 68 0.91 17.50 -23.01
N LYS A 69 0.72 18.00 -24.23
CA LYS A 69 0.47 17.11 -25.35
C LYS A 69 1.73 16.31 -25.72
N GLU A 70 2.87 16.75 -25.21
CA GLU A 70 4.14 16.07 -25.47
C GLU A 70 4.43 15.08 -24.35
N HIS A 71 3.53 15.02 -23.37
CA HIS A 71 3.69 14.12 -22.22
C HIS A 71 2.48 13.20 -22.06
N CYS A 72 2.04 12.62 -23.16
CA CYS A 72 0.90 11.70 -23.13
C CYS A 72 1.09 10.77 -24.32
N LEU A 73 1.93 9.77 -24.12
CA LEU A 73 2.24 8.81 -25.16
C LEU A 73 1.05 8.13 -25.80
N ILE A 74 0.05 7.74 -25.02
CA ILE A 74 -1.12 7.08 -25.59
C ILE A 74 -2.12 8.00 -26.24
N ASP A 75 -1.92 9.32 -26.13
CA ASP A 75 -2.84 10.26 -26.76
C ASP A 75 -2.26 11.67 -26.88
N PRO A 76 -1.50 11.93 -27.95
CA PRO A 76 -0.88 13.24 -28.21
C PRO A 76 -1.93 14.32 -28.39
N GLU A 77 -3.19 13.91 -28.49
CA GLU A 77 -4.30 14.85 -28.66
C GLU A 77 -5.14 14.93 -27.38
N VAL A 78 -4.53 14.58 -26.25
CA VAL A 78 -5.20 14.62 -24.96
C VAL A 78 -5.81 16.02 -24.77
N GLU A 79 -7.05 16.06 -24.28
CA GLU A 79 -7.80 17.28 -24.09
C GLU A 79 -7.26 18.36 -23.15
N SER A 80 -6.52 17.98 -22.12
CA SER A 80 -6.02 18.96 -21.17
C SER A 80 -4.84 18.46 -20.36
N PRO A 81 -4.12 19.38 -19.70
CA PRO A 81 -2.97 18.98 -18.87
C PRO A 81 -3.46 18.22 -17.64
N GLU A 82 -4.63 18.58 -17.13
CA GLU A 82 -5.19 17.90 -15.97
C GLU A 82 -5.42 16.44 -16.32
N LEU A 83 -5.96 16.19 -17.51
CA LEU A 83 -6.23 14.84 -17.96
C LEU A 83 -4.92 14.09 -18.26
N ALA A 84 -3.95 14.79 -18.83
CA ALA A 84 -2.68 14.14 -19.11
C ALA A 84 -2.06 13.70 -17.78
N ARG A 85 -2.19 14.54 -16.76
CA ARG A 85 -1.65 14.21 -15.46
C ARG A 85 -2.42 13.05 -14.82
N MET A 86 -3.74 12.97 -15.03
CA MET A 86 -4.51 11.87 -14.45
C MET A 86 -4.08 10.56 -15.09
N LEU A 87 -3.81 10.59 -16.39
CA LEU A 87 -3.37 9.38 -17.09
C LEU A 87 -2.03 8.94 -16.51
N ALA A 88 -1.14 9.91 -16.26
CA ALA A 88 0.18 9.64 -15.71
C ALA A 88 0.07 9.07 -14.28
N VAL A 89 -0.80 9.65 -13.47
CA VAL A 89 -0.97 9.18 -12.10
C VAL A 89 -1.56 7.76 -12.14
N THR A 90 -2.47 7.52 -13.08
CA THR A 90 -3.06 6.20 -13.21
C THR A 90 -2.01 5.17 -13.61
N LYS A 91 -1.11 5.55 -14.53
CA LYS A 91 -0.06 4.62 -14.96
C LYS A 91 0.85 4.35 -13.76
N TRP A 92 1.14 5.37 -12.98
CA TRP A 92 1.98 5.19 -11.80
C TRP A 92 1.29 4.22 -10.84
N PHE A 93 0.02 4.46 -10.56
CA PHE A 93 -0.70 3.59 -9.65
C PHE A 93 -0.65 2.13 -10.09
N ILE A 94 -0.95 1.90 -11.36
CA ILE A 94 -0.93 0.54 -11.90
C ILE A 94 0.48 -0.07 -11.74
N SER A 95 1.50 0.75 -11.95
CA SER A 95 2.87 0.25 -11.85
C SER A 95 3.26 -0.17 -10.44
N THR A 96 2.53 0.31 -9.43
CA THR A 96 2.87 -0.04 -8.06
C THR A 96 2.36 -1.42 -7.72
N LEU A 97 1.36 -1.89 -8.46
CA LEU A 97 0.73 -3.16 -8.14
C LEU A 97 1.63 -4.40 -8.15
N LYS A 98 2.49 -4.53 -9.16
CA LYS A 98 3.37 -5.70 -9.19
C LYS A 98 4.31 -5.66 -7.98
N SER A 99 4.78 -4.48 -7.62
CA SER A 99 5.66 -4.35 -6.46
C SER A 99 4.93 -4.75 -5.18
N GLN A 100 3.76 -4.17 -4.99
CA GLN A 100 2.97 -4.44 -3.79
C GLN A 100 2.58 -5.90 -3.60
N TYR A 101 2.09 -6.52 -4.67
CA TYR A 101 1.54 -7.87 -4.55
C TYR A 101 2.26 -9.07 -5.16
N CYS A 102 3.36 -8.84 -5.88
CA CYS A 102 4.09 -9.95 -6.49
C CYS A 102 5.55 -10.07 -6.08
N SER A 103 6.06 -9.09 -5.33
CA SER A 103 7.46 -9.11 -4.95
C SER A 103 7.97 -10.36 -4.24
N ARG A 104 7.20 -10.86 -3.28
CA ARG A 104 7.64 -12.06 -2.56
C ARG A 104 7.59 -13.32 -3.43
N ASN A 105 6.64 -13.37 -4.35
CA ASN A 105 6.58 -14.54 -5.23
C ASN A 105 7.90 -14.65 -5.98
N GLU A 106 8.41 -13.50 -6.39
CA GLU A 106 9.67 -13.45 -7.13
C GLU A 106 10.90 -13.73 -6.28
N SER A 107 11.01 -13.05 -5.14
CA SER A 107 12.18 -13.20 -4.29
C SER A 107 12.17 -14.36 -3.30
N LEU A 108 10.98 -14.85 -2.96
CA LEU A 108 10.87 -15.93 -1.99
C LEU A 108 10.28 -17.23 -2.54
N GLY A 109 9.60 -17.15 -3.68
CA GLY A 109 9.01 -18.35 -4.28
C GLY A 109 7.50 -18.38 -4.21
N SER A 110 6.94 -17.56 -3.33
CA SER A 110 5.48 -17.48 -3.17
C SER A 110 5.25 -16.39 -2.16
N GLU A 111 3.98 -16.08 -1.90
CA GLU A 111 3.68 -15.09 -0.90
C GLU A 111 3.99 -15.83 0.40
N LYS A 112 4.49 -15.11 1.40
CA LYS A 112 4.82 -15.73 2.69
C LYS A 112 4.38 -14.83 3.84
N LYS A 113 4.46 -15.35 5.07
CA LYS A 113 4.07 -14.58 6.23
C LYS A 113 5.12 -13.52 6.53
N PRO A 114 4.75 -12.23 6.43
CA PRO A 114 5.72 -11.17 6.71
C PRO A 114 5.89 -11.03 8.22
N LEU A 115 6.97 -10.36 8.62
CA LEU A 115 7.22 -10.13 10.03
C LEU A 115 6.21 -9.08 10.48
N ASN A 116 5.60 -9.32 11.64
CA ASN A 116 4.62 -8.41 12.22
C ASN A 116 5.46 -7.31 12.89
N PRO A 117 5.40 -6.09 12.37
CA PRO A 117 6.19 -4.98 12.94
C PRO A 117 5.97 -4.69 14.42
N PHE A 118 7.01 -4.21 15.10
CA PHE A 118 6.84 -3.84 16.50
C PHE A 118 6.46 -2.37 16.51
N LEU A 119 5.75 -1.96 17.54
CA LEU A 119 5.32 -0.57 17.67
C LEU A 119 6.54 0.32 17.72
N GLY A 120 6.58 1.34 16.86
CA GLY A 120 7.72 2.25 16.86
C GLY A 120 8.75 1.95 15.78
N GLU A 121 8.65 0.76 15.17
CA GLU A 121 9.57 0.36 14.11
C GLU A 121 9.60 1.37 12.97
N LEU A 122 10.80 1.62 12.45
CA LEU A 122 10.98 2.56 11.37
C LEU A 122 11.67 1.90 10.18
N PHE A 123 11.45 2.43 8.99
CA PHE A 123 12.11 1.94 7.79
C PHE A 123 12.26 3.17 6.91
N VAL A 124 13.50 3.57 6.69
CA VAL A 124 13.77 4.75 5.88
C VAL A 124 14.82 4.47 4.80
N GLY A 125 14.76 5.25 3.73
CA GLY A 125 15.68 5.07 2.63
C GLY A 125 15.45 6.14 1.59
N LYS A 126 16.11 6.01 0.44
CA LYS A 126 15.96 7.01 -0.60
C LYS A 126 16.31 6.49 -1.98
N TRP A 127 15.65 7.05 -2.98
CA TRP A 127 15.94 6.71 -4.36
C TRP A 127 16.79 7.91 -4.76
N GLU A 128 18.06 7.68 -5.03
CA GLU A 128 18.95 8.77 -5.39
C GLU A 128 18.74 9.27 -6.81
N ASN A 129 18.21 8.40 -7.68
CA ASN A 129 17.95 8.77 -9.06
C ASN A 129 19.18 9.39 -9.71
N LYS A 130 20.34 8.79 -9.46
CA LYS A 130 21.58 9.29 -10.01
C LYS A 130 21.58 9.42 -11.53
N GLU A 131 20.90 8.51 -12.22
CA GLU A 131 20.83 8.55 -13.68
C GLU A 131 19.95 9.66 -14.22
N HIS A 132 19.21 10.32 -13.33
CA HIS A 132 18.32 11.40 -13.75
C HIS A 132 18.42 12.60 -12.82
N PRO A 133 19.43 13.46 -13.04
CA PRO A 133 19.61 14.65 -12.20
C PRO A 133 18.38 15.55 -12.08
N GLU A 134 17.51 15.53 -13.08
CA GLU A 134 16.32 16.37 -13.03
C GLU A 134 15.31 15.85 -12.00
N PHE A 135 15.40 14.56 -11.70
CA PHE A 135 14.50 13.93 -10.73
C PHE A 135 14.76 14.39 -9.31
N GLY A 136 16.02 14.29 -8.89
CA GLY A 136 16.35 14.67 -7.54
C GLY A 136 16.11 13.48 -6.62
N GLU A 137 16.45 13.64 -5.35
CA GLU A 137 16.31 12.58 -4.36
C GLU A 137 14.87 12.38 -3.91
N THR A 138 14.44 11.13 -3.77
CA THR A 138 13.09 10.84 -3.31
C THR A 138 13.24 10.05 -2.00
N VAL A 139 12.67 10.59 -0.93
CA VAL A 139 12.77 10.00 0.40
C VAL A 139 11.58 9.15 0.81
N LEU A 140 11.86 8.03 1.47
CA LEU A 140 10.81 7.16 2.00
C LEU A 140 10.93 7.16 3.52
N LEU A 141 9.81 7.41 4.19
CA LEU A 141 9.75 7.37 5.65
C LEU A 141 8.59 6.44 5.97
N SER A 142 8.85 5.39 6.73
CA SER A 142 7.80 4.43 7.10
C SER A 142 7.89 4.15 8.59
N GLU A 143 6.75 4.21 9.29
CA GLU A 143 6.74 3.98 10.72
C GLU A 143 5.54 3.15 11.14
N GLN A 144 5.77 2.22 12.07
CA GLN A 144 4.70 1.38 12.59
C GLN A 144 4.06 2.20 13.71
N VAL A 145 2.91 2.79 13.43
CA VAL A 145 2.22 3.62 14.41
C VAL A 145 1.30 2.86 15.34
N SER A 146 1.10 1.58 15.06
CA SER A 146 0.26 0.73 15.90
C SER A 146 0.67 -0.72 15.71
N HIS A 147 0.60 -1.48 16.79
CA HIS A 147 0.94 -2.91 16.78
C HIS A 147 -0.32 -3.71 17.04
N HIS A 148 -1.20 -3.16 17.89
CA HIS A 148 -2.46 -3.79 18.24
C HIS A 148 -3.60 -2.82 17.88
N PRO A 149 -4.09 -2.88 16.63
CA PRO A 149 -3.71 -3.74 15.51
C PRO A 149 -2.54 -3.17 14.71
N PRO A 150 -2.01 -3.96 13.78
CA PRO A 150 -0.89 -3.48 12.97
C PRO A 150 -1.30 -2.33 12.04
N VAL A 151 -0.58 -1.23 12.12
CA VAL A 151 -0.86 -0.08 11.25
C VAL A 151 0.46 0.53 10.85
N THR A 152 0.66 0.68 9.54
CA THR A 152 1.88 1.28 9.03
C THR A 152 1.54 2.60 8.37
N ALA A 153 2.29 3.65 8.72
CA ALA A 153 2.09 4.98 8.11
C ALA A 153 3.34 5.27 7.29
N PHE A 154 3.19 6.07 6.24
CA PHE A 154 4.32 6.35 5.39
C PHE A 154 4.21 7.66 4.62
N SER A 155 5.34 8.10 4.10
CA SER A 155 5.41 9.28 3.27
C SER A 155 6.60 9.11 2.34
N ILE A 156 6.41 9.48 1.09
CA ILE A 156 7.48 9.41 0.09
C ILE A 156 7.42 10.78 -0.53
N PHE A 157 8.54 11.50 -0.50
CA PHE A 157 8.52 12.84 -1.05
C PHE A 157 9.76 13.24 -1.83
N ASN A 158 9.53 14.06 -2.85
CA ASN A 158 10.56 14.59 -3.74
C ASN A 158 10.45 16.11 -3.64
N ASP A 159 11.31 16.70 -2.84
CA ASP A 159 11.30 18.15 -2.63
C ASP A 159 11.60 18.95 -3.91
N LYS A 160 12.51 18.44 -4.72
CA LYS A 160 12.90 19.12 -5.96
C LYS A 160 11.74 19.40 -6.90
N ASN A 161 10.91 18.40 -7.15
CA ASN A 161 9.79 18.54 -8.05
C ASN A 161 8.44 18.70 -7.36
N LYS A 162 8.47 18.86 -6.04
CA LYS A 162 7.27 19.06 -5.24
C LYS A 162 6.25 17.94 -5.41
N VAL A 163 6.71 16.71 -5.36
CA VAL A 163 5.81 15.56 -5.47
C VAL A 163 5.90 14.87 -4.11
N LYS A 164 4.78 14.78 -3.42
CA LYS A 164 4.76 14.14 -2.11
C LYS A 164 3.58 13.22 -1.93
N LEU A 165 3.82 12.12 -1.23
CA LEU A 165 2.81 11.11 -0.97
C LEU A 165 2.80 10.76 0.49
N GLN A 166 1.61 10.52 1.04
CA GLN A 166 1.52 10.10 2.43
C GLN A 166 0.29 9.22 2.56
N GLY A 167 0.32 8.31 3.51
CA GLY A 167 -0.82 7.45 3.72
C GLY A 167 -0.55 6.48 4.83
N TYR A 168 -1.50 5.58 5.08
CA TYR A 168 -1.32 4.58 6.11
C TYR A 168 -2.11 3.36 5.70
N ASN A 169 -1.80 2.23 6.34
CA ASN A 169 -2.45 1.00 5.97
C ASN A 169 -2.63 0.03 7.12
N GLN A 170 -3.73 -0.69 7.06
CA GLN A 170 -4.04 -1.73 8.05
C GLN A 170 -5.03 -2.67 7.39
N ILE A 171 -5.13 -3.90 7.91
CA ILE A 171 -6.06 -4.85 7.31
C ILE A 171 -6.85 -5.61 8.35
N LYS A 172 -7.87 -6.29 7.86
CA LYS A 172 -8.70 -7.16 8.67
C LYS A 172 -8.85 -8.40 7.80
N ALA A 173 -8.57 -9.57 8.35
CA ALA A 173 -8.64 -10.78 7.56
C ALA A 173 -9.47 -11.87 8.20
N SER A 174 -9.98 -12.75 7.36
CA SER A 174 -10.76 -13.88 7.83
C SER A 174 -10.67 -14.99 6.80
N PHE A 175 -10.88 -16.23 7.25
CA PHE A 175 -10.81 -17.38 6.35
C PHE A 175 -12.20 -17.89 6.01
N THR A 176 -12.39 -18.32 4.76
CA THR A 176 -13.66 -18.88 4.33
C THR A 176 -13.53 -20.37 4.62
N LYS A 177 -14.62 -21.12 4.50
CA LYS A 177 -14.56 -22.55 4.77
C LYS A 177 -13.60 -23.27 3.82
N SER A 178 -13.44 -22.76 2.61
CA SER A 178 -12.56 -23.36 1.62
C SER A 178 -11.11 -22.90 1.74
N LEU A 179 -10.79 -22.28 2.87
CA LEU A 179 -9.44 -21.80 3.16
C LEU A 179 -8.96 -20.60 2.38
N MET A 180 -9.90 -19.81 1.85
CA MET A 180 -9.50 -18.61 1.13
C MET A 180 -9.30 -17.55 2.21
N LEU A 181 -8.21 -16.80 2.14
CA LEU A 181 -7.99 -15.77 3.15
C LEU A 181 -8.44 -14.45 2.56
N THR A 182 -9.56 -13.95 3.08
CA THR A 182 -10.14 -12.70 2.61
C THR A 182 -9.49 -11.55 3.37
N VAL A 183 -9.01 -10.56 2.64
CA VAL A 183 -8.34 -9.44 3.26
C VAL A 183 -8.98 -8.11 2.85
N LYS A 184 -9.35 -7.32 3.84
CA LYS A 184 -9.92 -6.01 3.56
C LYS A 184 -8.87 -4.99 3.98
N GLN A 185 -8.51 -4.09 3.07
CA GLN A 185 -7.54 -3.07 3.42
C GLN A 185 -8.28 -1.86 3.96
N PHE A 186 -7.64 -1.14 4.87
CA PHE A 186 -8.21 0.07 5.46
C PHE A 186 -7.13 1.13 5.27
N GLY A 187 -7.56 2.38 5.19
CA GLY A 187 -6.60 3.45 5.01
C GLY A 187 -6.67 4.02 3.60
N HIS A 188 -5.87 5.04 3.35
CA HIS A 188 -5.83 5.67 2.06
C HIS A 188 -4.50 6.37 1.89
N THR A 189 -4.22 6.78 0.66
CA THR A 189 -2.97 7.46 0.33
C THR A 189 -3.25 8.69 -0.49
N MET A 190 -2.55 9.78 -0.18
CA MET A 190 -2.71 11.03 -0.91
C MET A 190 -1.42 11.43 -1.61
N LEU A 191 -1.55 11.79 -2.87
CA LEU A 191 -0.43 12.19 -3.70
C LEU A 191 -0.61 13.64 -4.13
N ASP A 192 0.38 14.46 -3.83
CA ASP A 192 0.33 15.86 -4.23
C ASP A 192 1.35 16.08 -5.34
N ILE A 193 0.91 16.70 -6.42
CA ILE A 193 1.79 17.01 -7.54
C ILE A 193 1.71 18.53 -7.59
N LYS A 194 2.69 19.20 -6.97
CA LYS A 194 2.69 20.65 -6.88
C LYS A 194 1.41 21.03 -6.11
N ASP A 195 0.49 21.76 -6.74
CA ASP A 195 -0.73 22.14 -6.03
C ASP A 195 -1.95 21.31 -6.39
N GLU A 196 -1.71 20.20 -7.07
CA GLU A 196 -2.78 19.31 -7.50
C GLU A 196 -2.72 18.05 -6.63
N SER A 197 -3.88 17.60 -6.15
CA SER A 197 -3.93 16.43 -5.27
C SER A 197 -4.67 15.23 -5.82
N TYR A 198 -4.29 14.05 -5.34
CA TYR A 198 -4.91 12.79 -5.74
C TYR A 198 -5.14 11.89 -4.53
N LEU A 199 -6.35 11.38 -4.39
CA LEU A 199 -6.69 10.48 -3.29
C LEU A 199 -6.81 9.09 -3.88
N VAL A 200 -6.03 8.17 -3.35
CA VAL A 200 -5.99 6.79 -3.81
C VAL A 200 -6.41 5.83 -2.70
N THR A 201 -7.27 4.88 -3.04
CA THR A 201 -7.72 3.90 -2.05
C THR A 201 -7.31 2.51 -2.51
N PRO A 202 -6.60 1.77 -1.64
CA PRO A 202 -6.17 0.41 -1.99
C PRO A 202 -7.37 -0.53 -2.10
N PRO A 203 -7.23 -1.62 -2.88
CA PRO A 203 -8.31 -2.58 -3.08
C PRO A 203 -8.32 -3.76 -2.11
N PRO A 204 -9.46 -4.46 -2.02
CA PRO A 204 -9.49 -5.62 -1.12
C PRO A 204 -8.77 -6.71 -1.88
N LEU A 205 -8.47 -7.83 -1.23
CA LEU A 205 -7.78 -8.91 -1.91
C LEU A 205 -7.99 -10.21 -1.19
N HIS A 206 -7.59 -11.30 -1.83
CA HIS A 206 -7.69 -12.60 -1.19
C HIS A 206 -6.42 -13.37 -1.50
N ILE A 207 -6.07 -14.25 -0.57
CA ILE A 207 -4.88 -15.06 -0.72
C ILE A 207 -5.31 -16.45 -1.15
N GLU A 208 -4.89 -16.85 -2.33
CA GLU A 208 -5.25 -18.17 -2.86
C GLU A 208 -4.07 -19.11 -2.66
N GLY A 209 -4.27 -20.38 -2.99
CA GLY A 209 -3.22 -21.37 -2.88
C GLY A 209 -2.78 -21.79 -1.49
N ILE A 210 -3.63 -21.62 -0.49
CA ILE A 210 -3.25 -22.01 0.86
C ILE A 210 -3.26 -23.52 1.04
N LEU A 211 -4.24 -24.20 0.45
CA LEU A 211 -4.31 -25.66 0.56
C LEU A 211 -3.07 -26.32 -0.03
N VAL A 212 -2.66 -25.87 -1.21
CA VAL A 212 -1.49 -26.44 -1.89
C VAL A 212 -0.15 -25.86 -1.42
N ALA A 213 -0.19 -25.05 -0.37
CA ALA A 213 1.02 -24.43 0.18
C ALA A 213 1.80 -23.57 -0.81
N SER A 214 1.09 -22.79 -1.60
CA SER A 214 1.76 -21.88 -2.55
C SER A 214 0.87 -20.65 -2.61
N PRO A 215 0.89 -19.86 -1.53
CA PRO A 215 0.10 -18.63 -1.41
C PRO A 215 0.44 -17.58 -2.45
N PHE A 216 -0.59 -16.86 -2.88
CA PHE A 216 -0.38 -15.78 -3.84
C PHE A 216 -1.57 -14.86 -3.76
N VAL A 217 -1.31 -13.58 -4.00
CA VAL A 217 -2.33 -12.54 -3.93
C VAL A 217 -3.12 -12.33 -5.20
N GLU A 218 -4.42 -12.14 -5.05
CA GLU A 218 -5.26 -11.81 -6.18
C GLU A 218 -6.08 -10.64 -5.69
N LEU A 219 -6.18 -9.60 -6.52
CA LEU A 219 -6.93 -8.43 -6.15
C LEU A 219 -8.38 -8.57 -6.58
N GLU A 220 -9.26 -7.86 -5.89
CA GLU A 220 -10.68 -7.88 -6.19
C GLU A 220 -11.25 -6.49 -5.88
N GLY A 221 -12.55 -6.32 -6.09
CA GLY A 221 -13.17 -5.03 -5.78
C GLY A 221 -12.70 -3.88 -6.65
N LYS A 222 -12.60 -2.70 -6.04
CA LYS A 222 -12.20 -1.50 -6.77
C LYS A 222 -11.26 -0.61 -5.98
N SER A 223 -10.53 0.22 -6.72
CA SER A 223 -9.64 1.23 -6.15
C SER A 223 -10.05 2.53 -6.83
N TYR A 224 -9.93 3.65 -6.13
CA TYR A 224 -10.28 4.92 -6.73
C TYR A 224 -9.09 5.86 -6.71
N ILE A 225 -9.09 6.79 -7.66
CA ILE A 225 -8.06 7.82 -7.75
C ILE A 225 -8.84 9.10 -8.02
N GLN A 226 -9.11 9.86 -6.96
CA GLN A 226 -9.85 11.10 -7.07
C GLN A 226 -8.92 12.29 -7.03
N SER A 227 -8.99 13.14 -8.05
CA SER A 227 -8.13 14.30 -8.12
C SER A 227 -8.87 15.58 -7.73
N SER A 228 -8.10 16.60 -7.37
CA SER A 228 -8.64 17.90 -7.01
C SER A 228 -9.17 18.60 -8.26
N THR A 229 -8.80 18.06 -9.42
CA THR A 229 -9.24 18.60 -10.71
C THR A 229 -10.64 18.10 -11.03
N GLY A 230 -11.15 17.23 -10.16
CA GLY A 230 -12.47 16.68 -10.38
C GLY A 230 -12.41 15.31 -11.05
N LEU A 231 -11.38 15.09 -11.86
CA LEU A 231 -11.22 13.82 -12.56
C LEU A 231 -11.18 12.66 -11.58
N LEU A 232 -11.72 11.52 -12.03
CA LEU A 232 -11.77 10.33 -11.19
C LEU A 232 -11.49 9.08 -12.00
N CYS A 233 -10.62 8.23 -11.47
CA CYS A 233 -10.31 6.97 -12.12
C CYS A 233 -10.86 5.85 -11.24
N VAL A 234 -11.59 4.93 -11.85
CA VAL A 234 -12.17 3.80 -11.13
C VAL A 234 -11.52 2.54 -11.70
N ILE A 235 -10.80 1.81 -10.85
CA ILE A 235 -10.13 0.60 -11.28
C ILE A 235 -10.82 -0.60 -10.64
N GLU A 236 -11.26 -1.54 -11.48
CA GLU A 236 -11.92 -2.75 -10.99
C GLU A 236 -10.99 -3.93 -11.24
N PHE A 237 -10.81 -4.77 -10.21
CA PHE A 237 -9.93 -5.93 -10.32
C PHE A 237 -10.66 -7.26 -10.39
N SER A 238 -10.06 -8.23 -11.07
CA SER A 238 -10.64 -9.56 -11.21
C SER A 238 -9.50 -10.55 -11.48
N GLY A 239 -9.80 -11.85 -11.38
CA GLY A 239 -8.78 -12.85 -11.62
C GLY A 239 -9.25 -14.09 -12.37
N ARG A 240 -8.29 -14.85 -12.89
CA ARG A 240 -8.55 -16.08 -13.64
C ARG A 240 -9.47 -15.89 -14.84
N GLY A 241 -10.77 -15.78 -14.59
CA GLY A 241 -11.73 -15.60 -15.64
C GLY A 241 -12.78 -14.59 -15.24
N TYR A 242 -14.05 -14.94 -15.42
CA TYR A 242 -15.15 -14.07 -15.05
C TYR A 242 -15.15 -12.76 -15.82
N PHE A 243 -14.03 -12.03 -15.78
CA PHE A 243 -13.95 -10.76 -16.49
C PHE A 243 -12.74 -10.74 -17.42
N SER A 244 -11.97 -11.83 -17.42
CA SER A 244 -10.79 -11.93 -18.27
C SER A 244 -10.19 -13.34 -18.21
N GLY A 245 -9.75 -13.84 -19.36
CA GLY A 245 -9.17 -15.17 -19.40
C GLY A 245 -7.85 -15.29 -18.65
N LYS A 246 -7.41 -14.20 -18.02
CA LYS A 246 -6.16 -14.22 -17.28
C LYS A 246 -6.22 -13.62 -15.88
N LYS A 247 -5.36 -14.12 -15.00
CA LYS A 247 -5.28 -13.66 -13.62
C LYS A 247 -4.76 -12.22 -13.57
N ASN A 248 -4.80 -11.62 -12.39
CA ASN A 248 -4.32 -10.25 -12.18
C ASN A 248 -4.86 -9.25 -13.20
N SER A 249 -6.13 -9.38 -13.57
CA SER A 249 -6.71 -8.47 -14.55
C SER A 249 -7.39 -7.25 -13.91
N PHE A 250 -7.56 -6.20 -14.71
CA PHE A 250 -8.21 -5.00 -14.25
C PHE A 250 -8.78 -4.21 -15.42
N LYS A 251 -9.68 -3.28 -15.10
CA LYS A 251 -10.28 -2.40 -16.09
C LYS A 251 -10.37 -1.07 -15.35
N ALA A 252 -9.80 -0.03 -15.94
CA ALA A 252 -9.81 1.28 -15.33
C ALA A 252 -10.49 2.27 -16.25
N ARG A 253 -11.35 3.10 -15.68
CA ARG A 253 -12.07 4.10 -16.47
C ARG A 253 -11.88 5.46 -15.82
N ILE A 254 -11.58 6.45 -16.66
CA ILE A 254 -11.37 7.81 -16.19
C ILE A 254 -12.59 8.64 -16.58
N TYR A 255 -13.14 9.34 -15.59
CA TYR A 255 -14.32 10.18 -15.80
C TYR A 255 -14.05 11.65 -15.48
N LYS A 256 -14.85 12.54 -16.06
CA LYS A 256 -14.69 13.96 -15.83
C LYS A 256 -14.91 14.31 -14.35
N ASP A 257 -15.79 13.55 -13.70
CA ASP A 257 -16.09 13.76 -12.29
C ASP A 257 -16.84 12.56 -11.71
N SER A 258 -16.94 12.52 -10.38
CA SER A 258 -17.60 11.43 -9.68
C SER A 258 -19.02 11.16 -10.19
N LYS A 259 -19.70 12.21 -10.63
CA LYS A 259 -21.06 12.09 -11.14
C LYS A 259 -21.09 11.21 -12.39
N ASP A 260 -20.18 11.48 -13.32
CA ASP A 260 -20.10 10.73 -14.57
C ASP A 260 -19.69 9.28 -14.39
N SER A 261 -19.04 8.95 -13.27
CA SER A 261 -18.60 7.58 -13.03
C SER A 261 -19.77 6.62 -12.85
N LYS A 262 -20.97 7.17 -12.73
CA LYS A 262 -22.18 6.36 -12.55
C LYS A 262 -22.57 5.73 -13.88
N ASP A 263 -22.05 6.28 -14.97
CA ASP A 263 -22.34 5.81 -16.33
C ASP A 263 -21.04 5.45 -17.05
N LYS A 264 -20.78 4.15 -17.22
CA LYS A 264 -19.56 3.69 -17.88
C LYS A 264 -19.37 4.29 -19.28
N GLU A 265 -20.47 4.60 -19.96
CA GLU A 265 -20.39 5.16 -21.31
C GLU A 265 -19.76 6.55 -21.31
N LYS A 266 -19.75 7.20 -20.14
CA LYS A 266 -19.17 8.53 -20.03
C LYS A 266 -17.66 8.49 -19.82
N ALA A 267 -17.09 7.28 -19.76
CA ALA A 267 -15.66 7.14 -19.55
C ALA A 267 -14.87 7.80 -20.68
N LEU A 268 -13.89 8.63 -20.31
CA LEU A 268 -13.06 9.33 -21.28
C LEU A 268 -12.07 8.35 -21.90
N TYR A 269 -11.59 7.41 -21.08
CA TYR A 269 -10.66 6.39 -21.53
C TYR A 269 -11.00 5.13 -20.76
N THR A 270 -10.65 3.98 -21.34
CA THR A 270 -10.88 2.70 -20.70
C THR A 270 -9.59 1.90 -20.87
N ILE A 271 -9.00 1.51 -19.74
CA ILE A 271 -7.76 0.74 -19.74
C ILE A 271 -8.07 -0.68 -19.30
N SER A 272 -7.50 -1.67 -20.00
CA SER A 272 -7.76 -3.06 -19.63
C SER A 272 -6.55 -3.95 -19.89
N GLY A 273 -6.39 -4.95 -19.02
CA GLY A 273 -5.27 -5.88 -19.16
C GLY A 273 -4.88 -6.45 -17.82
N GLN A 274 -3.61 -6.81 -17.67
CA GLN A 274 -3.11 -7.38 -16.42
C GLN A 274 -2.16 -6.38 -15.77
N TRP A 275 -2.35 -6.10 -14.49
CA TRP A 275 -1.47 -5.15 -13.81
C TRP A 275 -0.07 -5.72 -13.57
N SER A 276 0.07 -7.04 -13.69
CA SER A 276 1.37 -7.68 -13.52
C SER A 276 1.98 -7.90 -14.89
N GLY A 277 1.29 -7.45 -15.92
CA GLY A 277 1.78 -7.61 -17.27
C GLY A 277 1.46 -6.43 -18.16
N SER A 278 0.78 -6.67 -19.28
CA SER A 278 0.45 -5.59 -20.19
C SER A 278 -1.02 -5.19 -20.19
N SER A 279 -1.27 -3.91 -20.45
CA SER A 279 -2.61 -3.38 -20.51
C SER A 279 -2.71 -2.39 -21.66
N LYS A 280 -3.88 -2.30 -22.28
CA LYS A 280 -4.11 -1.41 -23.40
C LYS A 280 -5.10 -0.34 -23.01
N ILE A 281 -5.14 0.75 -23.78
CA ILE A 281 -6.06 1.83 -23.49
C ILE A 281 -6.84 2.25 -24.73
N ILE A 282 -8.13 2.54 -24.54
CA ILE A 282 -9.02 2.97 -25.62
C ILE A 282 -9.59 4.33 -25.26
N LYS A 283 -9.58 5.25 -26.22
CA LYS A 283 -10.12 6.58 -25.98
C LYS A 283 -11.59 6.58 -26.41
N ALA A 284 -12.45 7.19 -25.60
CA ALA A 284 -13.88 7.24 -25.89
C ALA A 284 -14.38 5.84 -26.20
N ASN A 285 -14.94 5.66 -27.39
CA ASN A 285 -15.47 4.37 -27.82
C ASN A 285 -14.69 3.82 -29.01
N LYS A 286 -13.61 4.51 -29.37
CA LYS A 286 -12.78 4.10 -30.50
C LYS A 286 -12.00 2.83 -30.16
N LYS A 287 -12.73 1.73 -30.00
CA LYS A 287 -12.13 0.45 -29.65
C LYS A 287 -11.16 -0.08 -30.70
N GLU A 288 -11.26 0.44 -31.92
CA GLU A 288 -10.38 0.00 -33.01
C GLU A 288 -9.01 0.69 -32.97
N GLU A 289 -8.81 1.58 -32.01
CA GLU A 289 -7.55 2.31 -31.90
C GLU A 289 -6.86 2.14 -30.55
N SER A 290 -6.91 0.93 -30.00
CA SER A 290 -6.27 0.68 -28.70
C SER A 290 -4.75 0.80 -28.82
N ARG A 291 -4.11 1.21 -27.73
CA ARG A 291 -2.66 1.36 -27.70
C ARG A 291 -2.14 0.77 -26.39
N LEU A 292 -0.86 0.40 -26.37
CA LEU A 292 -0.25 -0.17 -25.17
C LEU A 292 -0.16 0.91 -24.09
N PHE A 293 -0.76 0.64 -22.92
CA PHE A 293 -0.74 1.60 -21.82
C PHE A 293 0.45 1.38 -20.88
N TYR A 294 0.63 0.14 -20.47
CA TYR A 294 1.72 -0.21 -19.56
C TYR A 294 2.05 -1.69 -19.67
N ASP A 295 3.34 -2.00 -19.66
CA ASP A 295 3.80 -3.38 -19.71
C ASP A 295 4.79 -3.54 -18.56
N ALA A 296 4.32 -4.12 -17.47
CA ALA A 296 5.12 -4.33 -16.27
C ALA A 296 6.41 -5.11 -16.53
N ALA A 297 6.38 -6.00 -17.52
CA ALA A 297 7.55 -6.80 -17.84
C ALA A 297 8.71 -6.03 -18.47
N ARG A 298 8.40 -4.89 -19.10
CA ARG A 298 9.44 -4.09 -19.77
C ARG A 298 10.18 -3.10 -18.86
N ILE A 299 9.57 -2.77 -17.72
CA ILE A 299 10.16 -1.80 -16.80
C ILE A 299 10.59 -2.42 -15.47
N PRO A 300 11.89 -2.70 -15.30
CA PRO A 300 12.32 -3.29 -14.03
C PRO A 300 12.16 -2.36 -12.83
N ALA A 301 11.73 -2.91 -11.70
CA ALA A 301 11.56 -2.10 -10.50
C ALA A 301 12.92 -1.60 -10.03
N GLU A 302 12.93 -0.40 -9.45
CA GLU A 302 14.15 0.18 -8.91
C GLU A 302 13.97 0.24 -7.40
N HIS A 303 14.82 -0.50 -6.69
CA HIS A 303 14.74 -0.54 -5.24
C HIS A 303 15.48 0.63 -4.61
N LEU A 304 14.95 1.14 -3.50
CA LEU A 304 15.56 2.27 -2.84
C LEU A 304 16.86 1.91 -2.14
N ASN A 305 17.68 2.92 -1.90
CA ASN A 305 18.95 2.73 -1.21
C ASN A 305 18.70 2.78 0.29
N VAL A 306 19.18 1.77 0.99
CA VAL A 306 19.05 1.70 2.43
C VAL A 306 20.48 1.68 2.96
N LYS A 307 20.77 2.51 3.97
CA LYS A 307 22.13 2.53 4.49
C LYS A 307 22.54 1.16 5.02
N PRO A 308 23.85 0.91 5.12
CA PRO A 308 24.30 -0.39 5.62
C PRO A 308 23.86 -0.63 7.06
N LEU A 309 23.64 -1.89 7.40
CA LEU A 309 23.20 -2.27 8.74
C LEU A 309 24.03 -1.63 9.84
N GLU A 310 25.34 -1.57 9.63
CA GLU A 310 26.26 -1.00 10.59
C GLU A 310 25.90 0.43 10.98
N GLU A 311 25.26 1.15 10.06
CA GLU A 311 24.87 2.54 10.28
C GLU A 311 23.43 2.76 10.71
N GLN A 312 22.67 1.67 10.88
CA GLN A 312 21.27 1.80 11.25
C GLN A 312 20.94 1.99 12.72
N HIS A 313 19.95 2.85 12.96
CA HIS A 313 19.45 3.17 14.30
C HIS A 313 18.72 1.92 14.83
N PRO A 314 18.77 1.68 16.15
CA PRO A 314 18.10 0.50 16.71
C PRO A 314 16.62 0.34 16.36
N LEU A 315 15.95 1.42 15.96
CA LEU A 315 14.54 1.35 15.61
C LEU A 315 14.30 0.97 14.15
N GLU A 316 15.34 1.04 13.33
CA GLU A 316 15.20 0.69 11.92
C GLU A 316 14.94 -0.80 11.75
N SER A 317 13.94 -1.11 10.93
CA SER A 317 13.49 -2.48 10.70
C SER A 317 14.53 -3.58 10.57
N ARG A 318 15.39 -3.46 9.56
CA ARG A 318 16.39 -4.50 9.33
C ARG A 318 17.35 -4.67 10.48
N LYS A 319 17.70 -3.57 11.15
CA LYS A 319 18.61 -3.64 12.28
C LYS A 319 17.96 -4.41 13.42
N ALA A 320 16.74 -4.02 13.76
CA ALA A 320 16.00 -4.63 14.86
C ALA A 320 15.65 -6.12 14.64
N TRP A 321 15.27 -6.45 13.41
CA TRP A 321 14.88 -7.84 13.08
C TRP A 321 16.04 -8.72 12.61
N TYR A 322 17.24 -8.15 12.59
CA TYR A 322 18.42 -8.90 12.13
C TYR A 322 18.53 -10.36 12.56
N ASP A 323 18.46 -10.61 13.86
CA ASP A 323 18.60 -11.99 14.35
C ASP A 323 17.46 -12.89 13.88
N VAL A 324 16.24 -12.36 13.87
CA VAL A 324 15.09 -13.14 13.43
C VAL A 324 15.19 -13.45 11.94
N ALA A 325 15.54 -12.44 11.14
CA ALA A 325 15.66 -12.64 9.70
C ALA A 325 16.73 -13.69 9.42
N GLY A 326 17.84 -13.60 10.15
CA GLY A 326 18.90 -14.56 9.96
C GLY A 326 18.45 -15.98 10.26
N ALA A 327 17.69 -16.14 11.34
CA ALA A 327 17.18 -17.46 11.74
C ALA A 327 16.19 -17.98 10.72
N ILE A 328 15.37 -17.10 10.17
CA ILE A 328 14.39 -17.49 9.18
C ILE A 328 15.09 -17.98 7.91
N LYS A 329 16.11 -17.25 7.48
CA LYS A 329 16.84 -17.64 6.28
C LYS A 329 17.50 -18.99 6.48
N LEU A 330 17.92 -19.27 7.71
CA LEU A 330 18.56 -20.54 8.03
C LEU A 330 17.54 -21.65 8.19
N GLY A 331 16.28 -21.29 8.48
CA GLY A 331 15.23 -22.29 8.65
C GLY A 331 15.34 -23.04 9.96
N ASP A 332 16.01 -22.43 10.94
CA ASP A 332 16.20 -23.03 12.25
C ASP A 332 14.94 -22.82 13.10
N PHE A 333 14.15 -23.86 13.28
CA PHE A 333 12.91 -23.77 14.05
C PHE A 333 13.09 -23.18 15.45
N ASN A 334 14.02 -23.73 16.22
CA ASN A 334 14.23 -23.24 17.58
C ASN A 334 14.80 -21.83 17.64
N LEU A 335 15.72 -21.52 16.73
CA LEU A 335 16.32 -20.20 16.72
C LEU A 335 15.31 -19.14 16.31
N ILE A 336 14.39 -19.49 15.42
CA ILE A 336 13.37 -18.54 14.99
C ILE A 336 12.48 -18.22 16.18
N ALA A 337 12.07 -19.27 16.89
CA ALA A 337 11.21 -19.11 18.06
C ALA A 337 11.90 -18.27 19.11
N LYS A 338 13.18 -18.54 19.32
CA LYS A 338 13.96 -17.82 20.32
C LYS A 338 14.17 -16.34 20.01
N THR A 339 14.62 -16.03 18.81
CA THR A 339 14.88 -14.65 18.42
C THR A 339 13.60 -13.82 18.35
N LYS A 340 12.52 -14.42 17.85
CA LYS A 340 11.26 -13.70 17.73
C LYS A 340 10.70 -13.41 19.12
N THR A 341 10.74 -14.41 19.99
CA THR A 341 10.23 -14.25 21.34
C THR A 341 11.02 -13.19 22.09
N GLU A 342 12.33 -13.17 21.89
CA GLU A 342 13.16 -12.20 22.57
C GLU A 342 12.71 -10.78 22.21
N LEU A 343 12.51 -10.53 20.93
CA LEU A 343 12.09 -9.21 20.51
C LEU A 343 10.67 -8.87 20.97
N GLU A 344 9.74 -9.80 20.74
CA GLU A 344 8.35 -9.56 21.10
C GLU A 344 8.10 -9.52 22.61
N GLU A 345 8.87 -10.30 23.36
CA GLU A 345 8.70 -10.31 24.81
C GLU A 345 9.18 -8.97 25.37
N THR A 346 10.27 -8.45 24.81
CA THR A 346 10.81 -7.17 25.24
C THR A 346 9.76 -6.10 25.00
N GLN A 347 9.06 -6.19 23.87
CA GLN A 347 8.01 -5.22 23.56
C GLN A 347 6.85 -5.34 24.55
N ARG A 348 6.41 -6.57 24.82
CA ARG A 348 5.31 -6.78 25.76
C ARG A 348 5.66 -6.14 27.10
N GLU A 349 6.92 -6.31 27.52
CA GLU A 349 7.39 -5.74 28.77
C GLU A 349 7.23 -4.22 28.76
N LEU A 350 7.62 -3.60 27.65
CA LEU A 350 7.51 -2.15 27.51
C LEU A 350 6.05 -1.70 27.62
N ARG A 351 5.15 -2.43 26.96
CA ARG A 351 3.73 -2.11 26.98
C ARG A 351 3.18 -2.21 28.41
N LYS A 352 3.56 -3.26 29.11
CA LYS A 352 3.09 -3.46 30.48
C LYS A 352 3.59 -2.35 31.39
N GLU A 353 4.83 -1.92 31.16
CA GLU A 353 5.42 -0.86 31.96
C GLU A 353 4.70 0.47 31.71
N GLU A 354 4.44 0.78 30.45
CA GLU A 354 3.75 2.01 30.09
C GLU A 354 2.37 2.06 30.74
N GLU A 355 1.67 0.93 30.72
CA GLU A 355 0.34 0.85 31.31
C GLU A 355 0.39 1.09 32.82
N ALA A 356 1.39 0.52 33.47
CA ALA A 356 1.55 0.65 34.92
C ALA A 356 2.05 2.04 35.32
N LYS A 357 2.92 2.61 34.52
CA LYS A 357 3.49 3.93 34.81
C LYS A 357 2.64 5.08 34.29
N GLY A 358 1.57 4.75 33.56
CA GLY A 358 0.71 5.79 33.01
C GLY A 358 1.42 6.55 31.90
N ILE A 359 2.17 5.82 31.10
CA ILE A 359 2.91 6.41 29.98
C ILE A 359 2.36 5.89 28.66
N SER A 360 2.49 6.69 27.61
CA SER A 360 2.00 6.29 26.30
C SER A 360 3.12 6.45 25.28
N TRP A 361 3.20 5.52 24.34
CA TRP A 361 4.22 5.58 23.31
C TRP A 361 3.93 6.74 22.36
N GLN A 362 4.90 7.60 22.13
CA GLN A 362 4.69 8.73 21.24
C GLN A 362 5.22 8.41 19.85
N ARG A 363 4.34 8.55 18.86
CA ARG A 363 4.72 8.29 17.47
C ARG A 363 5.73 9.33 17.04
N ARG A 364 6.68 8.92 16.19
CA ARG A 364 7.76 9.80 15.76
C ARG A 364 7.52 10.85 14.68
N TRP A 365 6.95 10.46 13.55
CA TRP A 365 6.72 11.40 12.45
C TRP A 365 5.27 11.49 12.02
N PHE A 366 4.40 10.71 12.65
CA PHE A 366 2.99 10.73 12.30
C PHE A 366 2.14 10.92 13.55
N LYS A 367 0.97 11.52 13.36
CA LYS A 367 0.04 11.75 14.45
C LYS A 367 -1.35 11.36 13.98
N ASP A 368 -2.17 10.87 14.91
CA ASP A 368 -3.51 10.45 14.53
C ASP A 368 -4.53 11.55 14.74
N PHE A 369 -5.09 12.03 13.63
CA PHE A 369 -6.09 13.08 13.65
C PHE A 369 -7.48 12.48 13.76
N ASP A 370 -8.31 13.08 14.61
CA ASP A 370 -9.67 12.61 14.80
C ASP A 370 -10.62 13.42 13.92
N TYR A 371 -11.13 12.80 12.85
CA TYR A 371 -12.04 13.47 11.94
C TYR A 371 -13.50 13.39 12.38
N SER A 372 -13.76 12.79 13.54
CA SER A 372 -15.13 12.65 14.01
C SER A 372 -15.75 14.01 14.36
N VAL A 373 -17.08 14.07 14.25
CA VAL A 373 -17.82 15.29 14.57
C VAL A 373 -17.64 15.59 16.06
N THR A 374 -17.38 14.53 16.82
CA THR A 374 -17.16 14.65 18.26
C THR A 374 -15.82 13.99 18.56
N PRO A 375 -14.72 14.66 18.20
CA PRO A 375 -13.36 14.15 18.44
C PRO A 375 -12.96 14.05 19.90
N GLU A 376 -12.03 13.16 20.20
CA GLU A 376 -11.54 12.99 21.57
C GLU A 376 -10.99 14.36 21.95
N GLU A 377 -11.20 14.76 23.20
CA GLU A 377 -10.76 16.07 23.68
C GLU A 377 -9.26 16.39 23.68
N GLY A 378 -8.43 15.40 23.35
CA GLY A 378 -6.99 15.66 23.35
C GLY A 378 -6.35 15.45 21.99
N ALA A 379 -7.08 14.82 21.08
CA ALA A 379 -6.56 14.53 19.75
C ALA A 379 -6.46 15.74 18.83
N LEU A 380 -5.59 15.65 17.83
CA LEU A 380 -5.43 16.71 16.86
C LEU A 380 -6.60 16.60 15.90
N VAL A 381 -7.06 17.73 15.37
CA VAL A 381 -8.20 17.75 14.46
C VAL A 381 -7.78 18.34 13.11
N PRO A 382 -8.44 17.90 12.02
CA PRO A 382 -8.09 18.41 10.69
C PRO A 382 -8.31 19.91 10.52
N GLU A 383 -7.66 20.48 9.52
CA GLU A 383 -7.78 21.90 9.23
C GLU A 383 -8.94 22.18 8.29
N LYS A 384 -9.30 23.46 8.18
CA LYS A 384 -10.40 23.91 7.33
C LYS A 384 -10.31 23.31 5.93
N ASP A 385 -9.25 23.68 5.20
CA ASP A 385 -9.05 23.21 3.85
C ASP A 385 -8.37 21.85 3.76
N ASP A 386 -8.62 20.98 4.75
CA ASP A 386 -8.03 19.65 4.75
C ASP A 386 -8.22 19.00 3.38
N THR A 387 -7.13 18.47 2.82
CA THR A 387 -7.19 17.85 1.50
C THR A 387 -8.02 16.58 1.46
N PHE A 388 -7.86 15.71 2.46
CA PHE A 388 -8.63 14.48 2.48
C PHE A 388 -10.13 14.79 2.46
N LEU A 389 -10.54 15.73 3.29
CA LEU A 389 -11.96 16.09 3.35
C LEU A 389 -12.53 16.52 2.01
N LYS A 390 -11.80 17.36 1.26
CA LYS A 390 -12.32 17.83 -0.01
C LYS A 390 -12.34 16.76 -1.09
N LEU A 391 -11.34 15.88 -1.11
CA LEU A 391 -11.30 14.82 -2.13
C LEU A 391 -12.31 13.73 -1.80
N ALA A 392 -12.47 13.44 -0.52
CA ALA A 392 -13.42 12.43 -0.08
C ALA A 392 -14.82 12.93 -0.41
N SER A 393 -15.04 14.23 -0.22
CA SER A 393 -16.34 14.81 -0.51
C SER A 393 -16.63 14.73 -2.02
N ALA A 394 -15.61 14.99 -2.84
CA ALA A 394 -15.78 14.92 -4.28
C ALA A 394 -16.08 13.50 -4.74
N LEU A 395 -15.48 12.53 -4.06
CA LEU A 395 -15.70 11.12 -4.41
C LEU A 395 -16.90 10.55 -3.68
N ASN A 396 -17.37 11.26 -2.67
CA ASN A 396 -18.49 10.81 -1.85
C ASN A 396 -17.99 9.58 -1.11
N LEU A 397 -16.75 9.67 -0.66
CA LEU A 397 -16.09 8.60 0.07
C LEU A 397 -16.31 8.80 1.57
N SER A 398 -16.60 7.71 2.26
CA SER A 398 -16.80 7.77 3.70
C SER A 398 -15.50 8.20 4.37
N THR A 399 -15.60 9.04 5.40
CA THR A 399 -14.43 9.50 6.11
C THR A 399 -14.20 8.71 7.39
N LYS A 400 -15.03 7.69 7.59
CA LYS A 400 -14.92 6.84 8.77
C LYS A 400 -13.87 5.75 8.56
N ASN A 401 -13.55 5.05 9.63
CA ASN A 401 -12.57 3.97 9.56
C ASN A 401 -13.18 2.69 8.99
N ALA A 402 -13.78 2.83 7.81
CA ALA A 402 -14.40 1.71 7.10
C ALA A 402 -13.40 1.18 6.09
N PRO A 403 -13.65 0.01 5.50
CA PRO A 403 -12.71 -0.54 4.51
C PRO A 403 -12.38 0.49 3.43
N SER A 404 -11.15 0.49 2.97
CA SER A 404 -10.74 1.43 1.93
C SER A 404 -11.72 1.41 0.76
N GLY A 405 -12.13 2.60 0.31
CA GLY A 405 -13.04 2.68 -0.81
C GLY A 405 -14.51 2.69 -0.45
N THR A 406 -14.83 2.60 0.84
CA THR A 406 -16.22 2.61 1.28
C THR A 406 -16.82 3.97 0.96
N LEU A 407 -17.99 3.97 0.34
CA LEU A 407 -18.66 5.21 -0.02
C LEU A 407 -19.73 5.58 1.02
N VAL A 408 -20.02 6.87 1.11
CA VAL A 408 -21.04 7.36 2.05
C VAL A 408 -22.34 6.61 1.79
N GLY A 409 -22.92 6.04 2.84
CA GLY A 409 -24.17 5.32 2.67
C GLY A 409 -24.00 3.81 2.57
N ASP A 410 -22.84 3.35 2.13
CA ASP A 410 -22.59 1.91 2.03
C ASP A 410 -22.84 1.28 3.38
N LYS A 411 -23.11 -0.03 3.39
CA LYS A 411 -23.36 -0.75 4.63
C LYS A 411 -22.25 -0.51 5.65
N GLU A 412 -20.99 -0.60 5.20
CA GLU A 412 -19.84 -0.40 6.07
C GLU A 412 -19.79 0.98 6.71
N ASP A 413 -20.30 1.98 5.98
CA ASP A 413 -20.31 3.35 6.49
C ASP A 413 -21.44 3.57 7.49
N ARG A 414 -22.44 2.71 7.46
CA ARG A 414 -23.58 2.83 8.35
C ARG A 414 -23.39 2.01 9.63
N LYS A 415 -22.16 1.57 9.87
CA LYS A 415 -21.85 0.78 11.05
C LYS A 415 -21.84 1.70 12.27
N GLU A 416 -22.62 1.34 13.28
CA GLU A 416 -22.72 2.13 14.50
C GLU A 416 -21.41 2.26 15.26
N ASP A 417 -21.25 3.40 15.93
CA ASP A 417 -20.05 3.70 16.72
C ASP A 417 -18.73 3.40 16.03
N LEU A 418 -18.60 3.86 14.79
CA LEU A 418 -17.38 3.66 14.01
C LEU A 418 -16.55 4.95 14.09
N SER A 419 -15.28 4.82 14.45
CA SER A 419 -14.40 5.99 14.58
C SER A 419 -13.98 6.57 13.23
N SER A 420 -13.30 7.71 13.27
CA SER A 420 -12.82 8.39 12.07
C SER A 420 -11.43 8.97 12.32
N ILE A 421 -10.54 8.12 12.81
CA ILE A 421 -9.18 8.55 13.11
C ILE A 421 -8.24 8.15 11.98
N HIS A 422 -7.47 9.12 11.48
CA HIS A 422 -6.55 8.85 10.38
C HIS A 422 -5.15 9.36 10.68
N TRP A 423 -4.14 8.57 10.31
CA TRP A 423 -2.76 8.96 10.56
C TRP A 423 -2.26 9.94 9.51
N ARG A 424 -1.58 10.99 9.97
CA ARG A 424 -1.06 12.02 9.07
C ARG A 424 0.41 12.28 9.26
N PHE A 425 1.11 12.48 8.15
CA PHE A 425 2.53 12.77 8.20
C PHE A 425 2.71 14.21 8.67
N GLN A 426 3.69 14.43 9.53
CA GLN A 426 3.99 15.76 10.03
C GLN A 426 5.40 16.11 9.55
N ARG A 427 5.50 16.71 8.36
CA ARG A 427 6.81 17.04 7.80
C ARG A 427 7.73 17.75 8.79
N GLU A 428 7.16 18.58 9.66
CA GLU A 428 7.96 19.32 10.65
C GLU A 428 8.74 18.39 11.56
N LEU A 429 8.13 17.27 11.93
CA LEU A 429 8.80 16.31 12.82
C LEU A 429 10.01 15.67 12.15
N TRP A 430 9.94 15.49 10.84
CA TRP A 430 11.08 14.92 10.12
C TRP A 430 12.14 16.00 9.98
N ASP A 431 11.70 17.25 9.78
CA ASP A 431 12.62 18.36 9.64
C ASP A 431 13.47 18.53 10.90
N GLU A 432 12.84 18.37 12.06
CA GLU A 432 13.57 18.51 13.31
C GLU A 432 14.09 17.19 13.84
N GLU A 433 14.09 16.16 12.99
CA GLU A 433 14.59 14.85 13.39
C GLU A 433 16.05 15.02 13.80
N LYS A 434 16.38 14.51 14.98
CA LYS A 434 17.74 14.66 15.52
C LYS A 434 18.63 13.43 15.45
N GLU A 435 18.04 12.25 15.28
CA GLU A 435 18.84 11.02 15.25
C GLU A 435 18.85 10.26 13.94
N ILE A 436 17.66 10.05 13.35
CA ILE A 436 17.54 9.31 12.10
C ILE A 436 18.09 10.06 10.89
N VAL A 437 18.80 9.34 10.04
CA VAL A 437 19.36 9.90 8.82
C VAL A 437 19.15 8.91 7.66
N LEU A 438 19.41 9.36 6.45
CA LEU A 438 19.27 8.53 5.26
C LEU A 438 20.65 8.19 4.73
#